data_5AM0
#
_entry.id   5AM0
#
_cell.length_a   92.417
_cell.length_b   92.417
_cell.length_c   244.242
_cell.angle_alpha   90.00
_cell.angle_beta   90.00
_cell.angle_gamma   120.00
#
_symmetry.space_group_name_H-M   'P 65 2 2'
#
loop_
_entity.id
_entity.type
_entity.pdbx_description
1 polymer 'BIFUNCTIONAL EPOXIDE HYDROLASE 2'
2 non-polymer 'SULFATE ION'
3 non-polymer 'DIMETHYL SULFOXIDE'
4 non-polymer 7-fluoranyl-3,3-dimethyl-5-(1-methylpyrrol-2-yl)-1H-indol-2-one
5 water water
#
_entity_poly.entity_id   1
_entity_poly.type   'polypeptide(L)'
_entity_poly.pdbx_seq_one_letter_code
;GMTLRAAVFDLDGVLALPAVFGVLGRTEEALALPRGLLNDAFQKGGPEGATTRLMKGEITLSQWIPLMEENCRKCSETAK
VCLPKNFSIKEIFDKAISARKINRPMLQAALMLRKKGFTTAILTNTWLDDRAERDGLAQLMCELKMHFDFLIESCQVGMV
KPEPQIYKFLLDTLKASPSEVVFLDDIGANLKPARDLGMVTILVQDTDTALKELEKVTGIQLLNTPAPLPTSCNPSDMSH
GYVTVKPRVRLHFVELGSGPAVCLCHGFPESWYSWRYQIPALAQAGYRVLAMDMKGYGESSAPPEIEEYCMEVLCKEMVT
FLDKLGLSQAVFIGHDWGGMLVWYMALFYPERVRAVASLNTPFIPANPNMSPLESIKANPVFDYQLYFQEPGVAEAELEQ
NLSRTFKSLFRASDESVLSMHKVCEAGGLFVNSPEEPSLSRMVTEEEIQFYVQQFKKSGFRGPLNWYRNMERNWKWACKS
LGRKILIPALMVTAEKDFVLVPQMSQHMEDWIPHLKRGHIEDCGHWTQMDKPTEVNQILIKWLDSDARN
;
_entity_poly.pdbx_strand_id   A
#
# COMPACT_ATOMS: atom_id res chain seq x y z
N THR A 3 23.21 -0.12 25.35
CA THR A 3 22.30 -0.85 24.47
C THR A 3 21.72 0.03 23.34
N LEU A 4 21.74 -0.49 22.11
CA LEU A 4 21.29 0.26 20.93
C LEU A 4 19.78 0.39 20.89
N ARG A 5 19.30 1.59 20.54
CA ARG A 5 17.87 1.86 20.37
C ARG A 5 17.56 2.73 19.14
N ALA A 6 18.60 3.11 18.38
CA ALA A 6 18.41 3.94 17.18
C ALA A 6 19.31 3.53 16.05
N ALA A 7 18.77 3.54 14.83
CA ALA A 7 19.53 3.19 13.64
C ALA A 7 19.38 4.30 12.63
N VAL A 8 20.53 4.82 12.14
CA VAL A 8 20.56 5.92 11.19
C VAL A 8 21.17 5.43 9.91
N PHE A 9 20.53 5.78 8.80
CA PHE A 9 20.98 5.35 7.49
C PHE A 9 21.24 6.50 6.56
N ASP A 10 22.30 6.37 5.77
CA ASP A 10 22.59 7.37 4.75
C ASP A 10 21.63 7.01 3.56
N LEU A 11 21.46 7.92 2.60
CA LEU A 11 20.63 7.64 1.43
C LEU A 11 21.51 7.09 0.29
N ASP A 12 22.37 7.92 -0.29
CA ASP A 12 23.20 7.50 -1.42
C ASP A 12 24.20 6.41 -1.05
N GLY A 13 24.07 5.26 -1.71
CA GLY A 13 24.92 4.10 -1.48
C GLY A 13 24.55 3.22 -0.29
N VAL A 14 23.47 3.56 0.42
CA VAL A 14 23.02 2.81 1.58
C VAL A 14 21.56 2.39 1.37
N LEU A 15 20.59 3.35 1.45
CA LEU A 15 19.17 3.04 1.22
C LEU A 15 18.79 3.08 -0.26
N ALA A 16 19.66 3.69 -1.07
CA ALA A 16 19.44 3.83 -2.50
C ALA A 16 20.68 3.47 -3.31
N LEU A 17 20.50 2.63 -4.35
CA LEU A 17 21.57 2.15 -5.24
C LEU A 17 21.19 2.15 -6.73
N PRO A 18 22.16 2.43 -7.65
CA PRO A 18 23.58 2.77 -7.39
C PRO A 18 23.79 4.21 -6.94
N ALA A 19 24.86 4.44 -6.16
CA ALA A 19 25.28 5.77 -5.67
C ALA A 19 25.77 6.68 -6.80
N VAL A 20 25.59 8.01 -6.67
CA VAL A 20 25.99 9.00 -7.70
C VAL A 20 27.49 9.10 -7.95
N PHE A 21 28.32 9.02 -6.88
CA PHE A 21 29.79 9.06 -6.93
C PHE A 21 30.34 7.90 -7.79
N GLY A 22 29.55 6.82 -7.87
CA GLY A 22 29.83 5.66 -8.70
C GLY A 22 29.64 5.99 -10.16
N VAL A 23 28.67 6.86 -10.49
CA VAL A 23 28.38 7.32 -11.86
C VAL A 23 29.46 8.31 -12.30
N LEU A 24 30.06 9.08 -11.36
CA LEU A 24 31.15 9.99 -11.68
C LEU A 24 32.34 9.16 -12.19
N GLY A 25 32.62 8.05 -11.51
CA GLY A 25 33.66 7.09 -11.89
C GLY A 25 33.31 6.36 -13.17
N ARG A 26 32.04 5.89 -13.31
CA ARG A 26 31.55 5.20 -14.50
C ARG A 26 31.60 6.06 -15.75
N THR A 27 31.33 7.37 -15.59
CA THR A 27 31.37 8.34 -16.70
C THR A 27 32.81 8.56 -17.15
N GLU A 28 33.74 8.71 -16.18
CA GLU A 28 35.17 8.88 -16.43
C GLU A 28 35.67 7.73 -17.31
N GLU A 29 35.34 6.46 -16.94
CA GLU A 29 35.73 5.25 -17.68
C GLU A 29 35.10 5.17 -19.07
N ALA A 30 33.80 5.51 -19.20
CA ALA A 30 33.07 5.48 -20.47
C ALA A 30 33.63 6.49 -21.47
N LEU A 31 33.96 7.71 -20.98
CA LEU A 31 34.49 8.79 -21.81
C LEU A 31 36.02 8.76 -21.91
N ALA A 32 36.68 7.76 -21.27
CA ALA A 32 38.14 7.61 -21.19
C ALA A 32 38.83 8.90 -20.68
N LEU A 33 38.23 9.51 -19.65
CA LEU A 33 38.79 10.71 -19.02
C LEU A 33 39.80 10.27 -17.95
N PRO A 34 40.75 11.14 -17.51
CA PRO A 34 41.64 10.73 -16.41
C PRO A 34 40.83 10.29 -15.19
N ARG A 35 41.31 9.24 -14.51
CA ARG A 35 40.64 8.72 -13.32
C ARG A 35 40.53 9.81 -12.26
N GLY A 36 39.35 9.92 -11.66
CA GLY A 36 39.08 10.88 -10.59
C GLY A 36 38.77 12.30 -11.02
N LEU A 37 38.91 12.64 -12.33
CA LEU A 37 38.67 13.99 -12.88
C LEU A 37 37.30 14.60 -12.46
N LEU A 38 36.21 13.83 -12.67
CA LEU A 38 34.87 14.27 -12.36
C LEU A 38 34.62 14.32 -10.86
N ASN A 39 35.16 13.32 -10.11
CA ASN A 39 35.03 13.29 -8.66
C ASN A 39 35.78 14.46 -8.05
N ASP A 40 36.94 14.82 -8.64
CA ASP A 40 37.73 15.96 -8.21
C ASP A 40 37.01 17.28 -8.46
N ALA A 41 36.39 17.46 -9.67
CA ALA A 41 35.65 18.70 -10.00
C ALA A 41 34.40 18.83 -9.13
N PHE A 42 33.79 17.70 -8.76
CA PHE A 42 32.62 17.64 -7.91
C PHE A 42 32.96 18.14 -6.49
N GLN A 43 34.11 17.72 -5.94
CA GLN A 43 34.47 18.15 -4.59
C GLN A 43 35.31 19.45 -4.52
N LYS A 44 35.63 20.05 -5.67
CA LYS A 44 36.49 21.23 -5.77
C LYS A 44 36.12 22.36 -4.79
N GLY A 45 37.12 22.85 -4.05
CA GLY A 45 36.97 23.93 -3.08
C GLY A 45 36.61 23.47 -1.67
N GLY A 46 36.41 22.15 -1.49
CA GLY A 46 36.05 21.54 -0.22
C GLY A 46 34.89 22.24 0.47
N PRO A 47 35.05 22.63 1.76
CA PRO A 47 33.96 23.36 2.47
C PRO A 47 33.60 24.73 1.87
N GLU A 48 34.47 25.27 1.03
CA GLU A 48 34.26 26.58 0.39
C GLU A 48 33.72 26.44 -1.04
N GLY A 49 33.65 25.21 -1.54
CA GLY A 49 33.23 24.91 -2.90
C GLY A 49 31.75 24.98 -3.18
N ALA A 50 31.42 24.90 -4.49
CA ALA A 50 30.06 24.95 -5.03
C ALA A 50 29.20 23.82 -4.48
N THR A 51 29.76 22.61 -4.41
CA THR A 51 29.03 21.44 -3.93
C THR A 51 28.61 21.56 -2.49
N THR A 52 29.49 22.11 -1.62
CA THR A 52 29.11 22.30 -0.21
C THR A 52 27.92 23.29 -0.10
N ARG A 53 27.98 24.39 -0.87
CA ARG A 53 26.92 25.42 -0.92
C ARG A 53 25.58 24.77 -1.34
N LEU A 54 25.62 23.91 -2.37
CA LEU A 54 24.49 23.15 -2.84
C LEU A 54 23.95 22.28 -1.69
N MET A 55 24.83 21.45 -1.09
CA MET A 55 24.43 20.56 0.00
C MET A 55 23.89 21.27 1.25
N LYS A 56 24.33 22.53 1.50
CA LYS A 56 23.85 23.34 2.62
C LYS A 56 22.53 24.05 2.30
N GLY A 57 22.08 24.00 1.03
CA GLY A 57 20.86 24.65 0.57
C GLY A 57 21.03 26.12 0.22
N GLU A 58 22.28 26.58 0.00
CA GLU A 58 22.51 27.98 -0.36
C GLU A 58 22.05 28.26 -1.79
N ILE A 59 22.16 27.24 -2.65
CA ILE A 59 21.83 27.29 -4.07
C ILE A 59 21.07 26.01 -4.45
N THR A 60 20.34 26.06 -5.56
CA THR A 60 19.61 24.90 -6.04
C THR A 60 20.48 24.10 -7.00
N LEU A 61 20.02 22.86 -7.31
CA LEU A 61 20.71 21.97 -8.25
C LEU A 61 20.88 22.61 -9.63
N SER A 62 19.84 23.32 -10.16
CA SER A 62 19.96 24.00 -11.45
C SER A 62 20.96 25.13 -11.41
N GLN A 63 21.10 25.84 -10.27
CA GLN A 63 22.13 26.89 -10.15
C GLN A 63 23.53 26.26 -10.08
N TRP A 64 23.63 25.07 -9.49
CA TRP A 64 24.90 24.35 -9.29
C TRP A 64 25.50 23.80 -10.58
N ILE A 65 24.67 23.28 -11.48
CA ILE A 65 25.08 22.68 -12.77
C ILE A 65 26.17 23.47 -13.54
N PRO A 66 26.02 24.80 -13.83
CA PRO A 66 27.11 25.51 -14.52
C PRO A 66 28.37 25.69 -13.67
N LEU A 67 28.26 25.70 -12.32
CA LEU A 67 29.44 25.80 -11.46
C LEU A 67 30.27 24.53 -11.56
N MET A 68 29.59 23.37 -11.62
CA MET A 68 30.22 22.07 -11.79
C MET A 68 30.93 22.00 -13.16
N GLU A 69 30.24 22.49 -14.23
CA GLU A 69 30.77 22.58 -15.61
C GLU A 69 32.10 23.35 -15.61
N GLU A 70 32.14 24.50 -14.91
CA GLU A 70 33.34 25.31 -14.80
C GLU A 70 34.46 24.56 -14.06
N ASN A 71 34.11 23.82 -12.97
CA ASN A 71 35.09 23.03 -12.24
C ASN A 71 35.67 21.92 -13.12
N CYS A 72 34.82 21.31 -13.96
CA CYS A 72 35.20 20.25 -14.89
C CYS A 72 36.19 20.77 -15.95
N ARG A 73 35.99 22.01 -16.42
CA ARG A 73 36.88 22.68 -17.38
C ARG A 73 38.26 22.93 -16.72
N LYS A 74 38.24 23.55 -15.51
CA LYS A 74 39.42 23.87 -14.70
C LYS A 74 40.27 22.61 -14.47
N CYS A 75 39.63 21.50 -14.03
CA CYS A 75 40.31 20.23 -13.76
C CYS A 75 40.94 19.64 -15.03
N SER A 76 40.19 19.63 -16.15
CA SER A 76 40.67 19.14 -17.44
C SER A 76 41.91 19.95 -17.95
N GLU A 77 41.88 21.29 -17.80
CA GLU A 77 42.96 22.21 -18.18
C GLU A 77 44.26 21.83 -17.45
N THR A 78 44.17 21.62 -16.12
CA THR A 78 45.29 21.25 -15.25
C THR A 78 45.85 19.86 -15.62
N ALA A 79 44.95 18.89 -15.88
CA ALA A 79 45.28 17.50 -16.26
C ALA A 79 45.75 17.41 -17.76
N LYS A 80 45.68 18.54 -18.49
CA LYS A 80 46.08 18.65 -19.91
C LYS A 80 45.34 17.62 -20.78
N VAL A 81 44.01 17.59 -20.61
CA VAL A 81 43.05 16.74 -21.34
C VAL A 81 41.90 17.64 -21.81
N CYS A 82 41.06 17.12 -22.70
CA CYS A 82 39.91 17.84 -23.21
C CYS A 82 38.66 17.04 -22.91
N LEU A 83 37.59 17.72 -22.44
CA LEU A 83 36.30 17.06 -22.21
C LEU A 83 35.67 16.86 -23.61
N PRO A 84 34.84 15.81 -23.85
CA PRO A 84 34.26 15.63 -25.19
C PRO A 84 33.39 16.80 -25.66
N LYS A 85 33.06 16.81 -26.97
CA LYS A 85 32.24 17.84 -27.64
C LYS A 85 30.84 17.99 -27.03
N ASN A 86 30.17 16.85 -26.73
CA ASN A 86 28.80 16.78 -26.19
C ASN A 86 28.75 16.65 -24.65
N PHE A 87 29.84 17.01 -23.94
CA PHE A 87 29.93 16.94 -22.47
C PHE A 87 28.82 17.76 -21.79
N SER A 88 27.98 17.08 -20.98
CA SER A 88 26.85 17.68 -20.28
C SER A 88 26.61 17.11 -18.88
N ILE A 89 26.81 17.95 -17.85
CA ILE A 89 26.61 17.62 -16.43
C ILE A 89 25.13 17.31 -16.17
N LYS A 90 24.22 18.10 -16.76
CA LYS A 90 22.76 17.87 -16.64
C LYS A 90 22.38 16.46 -17.08
N GLU A 91 22.83 16.03 -18.28
CA GLU A 91 22.55 14.69 -18.82
C GLU A 91 23.13 13.59 -17.92
N ILE A 92 24.36 13.77 -17.41
CA ILE A 92 25.00 12.80 -16.51
C ILE A 92 24.19 12.63 -15.21
N PHE A 93 23.78 13.74 -14.57
CA PHE A 93 23.02 13.66 -13.32
C PHE A 93 21.58 13.19 -13.49
N ASP A 94 20.89 13.60 -14.58
CA ASP A 94 19.52 13.14 -14.86
C ASP A 94 19.50 11.62 -14.92
N LYS A 95 20.44 11.01 -15.68
CA LYS A 95 20.55 9.56 -15.85
C LYS A 95 20.80 8.83 -14.51
N ALA A 96 21.81 9.30 -13.74
CA ALA A 96 22.20 8.79 -12.41
C ALA A 96 21.03 8.79 -11.41
N ILE A 97 20.33 9.93 -11.29
CA ILE A 97 19.19 10.09 -10.35
C ILE A 97 18.06 9.13 -10.77
N SER A 98 17.78 9.06 -12.09
CA SER A 98 16.77 8.20 -12.68
C SER A 98 17.10 6.72 -12.44
N ALA A 99 18.40 6.35 -12.53
CA ALA A 99 18.87 4.97 -12.35
C ALA A 99 18.86 4.50 -10.90
N ARG A 100 18.99 5.44 -9.95
CA ARG A 100 19.01 5.12 -8.52
C ARG A 100 17.67 4.61 -8.03
N LYS A 101 17.68 3.46 -7.38
CA LYS A 101 16.49 2.78 -6.88
C LYS A 101 16.68 2.47 -5.42
N ILE A 102 15.59 2.16 -4.73
CA ILE A 102 15.60 1.78 -3.32
C ILE A 102 16.32 0.45 -3.17
N ASN A 103 17.24 0.40 -2.18
CA ASN A 103 18.00 -0.80 -1.85
C ASN A 103 17.07 -1.56 -0.95
N ARG A 104 16.22 -2.42 -1.56
CA ARG A 104 15.18 -3.18 -0.87
C ARG A 104 15.63 -3.97 0.36
N PRO A 105 16.74 -4.78 0.35
CA PRO A 105 17.16 -5.44 1.60
C PRO A 105 17.55 -4.46 2.73
N MET A 106 18.14 -3.29 2.39
CA MET A 106 18.50 -2.28 3.42
C MET A 106 17.21 -1.70 4.04
N LEU A 107 16.22 -1.33 3.18
CA LEU A 107 14.93 -0.84 3.67
C LEU A 107 14.24 -1.88 4.58
N GLN A 108 14.26 -3.17 4.18
CA GLN A 108 13.64 -4.22 4.99
C GLN A 108 14.27 -4.35 6.35
N ALA A 109 15.61 -4.21 6.43
CA ALA A 109 16.35 -4.28 7.69
C ALA A 109 15.93 -3.08 8.56
N ALA A 110 15.88 -1.83 7.99
CA ALA A 110 15.41 -0.62 8.68
C ALA A 110 14.00 -0.86 9.21
N LEU A 111 13.11 -1.44 8.35
CA LEU A 111 11.72 -1.79 8.74
C LEU A 111 11.65 -2.79 9.90
N MET A 112 12.52 -3.81 9.91
CA MET A 112 12.57 -4.82 10.97
C MET A 112 13.04 -4.18 12.31
N LEU A 113 14.08 -3.31 12.24
CA LEU A 113 14.60 -2.65 13.44
C LEU A 113 13.53 -1.78 14.07
N ARG A 114 12.78 -1.01 13.26
CA ARG A 114 11.68 -0.16 13.75
C ARG A 114 10.56 -1.01 14.37
N LYS A 115 10.24 -2.16 13.73
CA LYS A 115 9.23 -3.11 14.20
C LYS A 115 9.60 -3.63 15.60
N LYS A 116 10.90 -3.79 15.87
CA LYS A 116 11.43 -4.24 17.16
C LYS A 116 11.69 -3.11 18.19
N GLY A 117 11.17 -1.92 17.92
CA GLY A 117 11.26 -0.78 18.84
C GLY A 117 12.35 0.24 18.61
N PHE A 118 13.17 0.09 17.55
CA PHE A 118 14.20 1.07 17.25
C PHE A 118 13.60 2.35 16.67
N THR A 119 14.24 3.50 16.96
CA THR A 119 13.90 4.79 16.32
C THR A 119 14.79 4.79 15.08
N THR A 120 14.23 5.08 13.91
CA THR A 120 15.05 5.04 12.71
C THR A 120 15.04 6.39 12.04
N ALA A 121 16.13 6.73 11.37
CA ALA A 121 16.24 8.00 10.68
C ALA A 121 17.09 7.86 9.45
N ILE A 122 16.86 8.76 8.50
CA ILE A 122 17.68 8.91 7.32
C ILE A 122 18.42 10.22 7.55
N LEU A 123 19.76 10.20 7.44
CA LEU A 123 20.57 11.41 7.50
C LEU A 123 21.29 11.48 6.17
N THR A 124 21.06 12.55 5.41
CA THR A 124 21.60 12.65 4.07
C THR A 124 22.11 14.03 3.65
N ASN A 125 23.23 14.02 2.91
CA ASN A 125 23.76 15.18 2.22
C ASN A 125 23.02 15.19 0.88
N THR A 126 22.08 16.13 0.76
CA THR A 126 21.23 16.25 -0.42
C THR A 126 21.05 17.69 -0.84
N TRP A 127 20.37 17.91 -1.96
CA TRP A 127 20.20 19.21 -2.59
C TRP A 127 18.73 19.58 -2.81
N LEU A 128 18.51 20.86 -3.13
CA LEU A 128 17.20 21.38 -3.51
C LEU A 128 17.07 21.16 -5.00
N ASP A 129 16.27 20.16 -5.41
CA ASP A 129 16.11 19.75 -6.79
C ASP A 129 14.96 20.49 -7.50
N ASP A 130 15.35 21.38 -8.41
CA ASP A 130 14.46 22.19 -9.25
C ASP A 130 14.59 21.84 -10.73
N ARG A 131 15.12 20.64 -11.03
CA ARG A 131 15.26 20.20 -12.44
C ARG A 131 13.88 19.88 -12.98
N ALA A 132 13.70 19.95 -14.31
CA ALA A 132 12.41 19.61 -14.93
C ALA A 132 11.96 18.19 -14.54
N GLU A 133 12.92 17.28 -14.33
CA GLU A 133 12.69 15.85 -14.01
C GLU A 133 12.75 15.52 -12.49
N ARG A 134 12.67 16.56 -11.60
CA ARG A 134 12.74 16.41 -10.13
C ARG A 134 11.72 15.44 -9.52
N ASP A 135 10.56 15.21 -10.17
CA ASP A 135 9.52 14.33 -9.64
C ASP A 135 9.99 12.89 -9.35
N GLY A 136 10.88 12.35 -10.18
CA GLY A 136 11.43 11.01 -9.98
C GLY A 136 12.03 10.84 -8.59
N LEU A 137 12.87 11.80 -8.20
CA LEU A 137 13.50 11.86 -6.88
C LEU A 137 12.46 12.16 -5.79
N ALA A 138 11.49 13.08 -6.03
CA ALA A 138 10.44 13.39 -5.05
C ALA A 138 9.68 12.08 -4.72
N GLN A 139 9.40 11.27 -5.75
CA GLN A 139 8.74 9.97 -5.61
C GLN A 139 9.57 8.99 -4.75
N LEU A 140 10.87 8.86 -5.04
CA LEU A 140 11.79 7.98 -4.29
C LEU A 140 11.84 8.38 -2.83
N MET A 141 12.02 9.67 -2.55
CA MET A 141 12.07 10.17 -1.18
C MET A 141 10.77 9.93 -0.45
N CYS A 142 9.64 10.09 -1.15
CA CYS A 142 8.33 9.85 -0.57
C CYS A 142 8.15 8.45 -0.15
N GLU A 143 8.53 7.51 -1.02
CA GLU A 143 8.40 6.11 -0.70
C GLU A 143 9.25 5.75 0.51
N LEU A 144 10.51 6.22 0.52
CA LEU A 144 11.45 5.91 1.58
C LEU A 144 11.09 6.52 2.93
N LYS A 145 10.87 7.86 2.98
CA LYS A 145 10.62 8.62 4.23
C LYS A 145 9.52 8.11 5.12
N MET A 146 8.40 7.59 4.53
CA MET A 146 7.24 7.08 5.27
C MET A 146 7.59 5.96 6.26
N HIS A 147 8.69 5.23 5.99
CA HIS A 147 9.14 4.10 6.79
C HIS A 147 10.10 4.45 7.94
N PHE A 148 10.39 5.74 8.13
CA PHE A 148 11.35 6.18 9.15
C PHE A 148 10.74 7.22 10.09
N ASP A 149 11.26 7.29 11.33
CA ASP A 149 10.81 8.29 12.30
C ASP A 149 11.26 9.67 11.90
N PHE A 150 12.47 9.79 11.33
CA PHE A 150 13.04 11.09 10.93
C PHE A 150 13.78 11.05 9.61
N LEU A 151 13.76 12.19 8.91
CA LEU A 151 14.48 12.43 7.68
C LEU A 151 15.19 13.75 7.90
N ILE A 152 16.51 13.72 7.91
CA ILE A 152 17.32 14.93 8.09
C ILE A 152 18.09 15.16 6.82
N GLU A 153 17.82 16.29 6.15
CA GLU A 153 18.46 16.64 4.89
C GLU A 153 19.32 17.84 5.08
N SER A 154 20.57 17.70 4.66
CA SER A 154 21.58 18.75 4.75
C SER A 154 21.10 20.10 4.22
N CYS A 155 20.43 20.14 3.04
CA CYS A 155 19.96 21.37 2.39
C CYS A 155 18.83 22.10 3.14
N GLN A 156 18.17 21.40 4.08
CA GLN A 156 17.09 21.94 4.90
C GLN A 156 17.63 22.47 6.23
N VAL A 157 18.61 21.76 6.82
CA VAL A 157 19.25 22.13 8.09
C VAL A 157 20.48 23.08 7.96
N GLY A 158 20.97 23.27 6.72
CA GLY A 158 22.11 24.16 6.44
C GLY A 158 23.44 23.68 7.01
N MET A 159 23.59 22.35 7.16
CA MET A 159 24.78 21.70 7.70
C MET A 159 25.04 20.46 6.85
N VAL A 160 26.30 20.03 6.74
CA VAL A 160 26.61 18.83 5.96
C VAL A 160 27.47 17.87 6.76
N LYS A 161 27.41 16.57 6.41
CA LYS A 161 28.38 15.60 6.92
C LYS A 161 29.64 15.95 6.10
N PRO A 162 30.86 15.99 6.67
CA PRO A 162 31.26 15.51 8.01
C PRO A 162 31.39 16.58 9.11
N GLU A 163 30.67 17.74 8.99
CA GLU A 163 30.73 18.79 10.03
C GLU A 163 30.20 18.26 11.35
N PRO A 164 30.93 18.49 12.46
CA PRO A 164 30.48 17.94 13.76
C PRO A 164 29.06 18.29 14.23
N GLN A 165 28.58 19.51 13.93
CA GLN A 165 27.27 20.03 14.34
C GLN A 165 26.10 19.21 13.84
N ILE A 166 26.20 18.66 12.62
CA ILE A 166 25.11 17.85 12.06
C ILE A 166 24.92 16.57 12.88
N TYR A 167 26.02 16.01 13.44
CA TYR A 167 25.94 14.81 14.28
C TYR A 167 25.31 15.12 15.63
N LYS A 168 25.61 16.34 16.16
CA LYS A 168 24.98 16.81 17.40
C LYS A 168 23.48 17.06 17.16
N PHE A 169 23.13 17.59 15.95
CA PHE A 169 21.74 17.82 15.55
C PHE A 169 20.98 16.49 15.48
N LEU A 170 21.62 15.48 14.87
CA LEU A 170 21.05 14.14 14.76
C LEU A 170 20.72 13.58 16.15
N LEU A 171 21.70 13.57 17.05
CA LEU A 171 21.53 13.06 18.43
C LEU A 171 20.42 13.74 19.20
N ASP A 172 20.30 15.09 19.03
CA ASP A 172 19.25 15.85 19.66
C ASP A 172 17.89 15.43 19.06
N THR A 173 17.81 15.29 17.72
CA THR A 173 16.60 14.86 16.99
C THR A 173 16.15 13.48 17.47
N LEU A 174 17.10 12.53 17.63
CA LEU A 174 16.83 11.17 18.08
C LEU A 174 16.51 11.10 19.59
N LYS A 175 16.94 12.13 20.38
CA LYS A 175 16.78 12.15 21.84
C LYS A 175 17.47 10.88 22.39
N ALA A 176 18.73 10.67 21.97
CA ALA A 176 19.53 9.51 22.32
C ALA A 176 21.00 9.85 22.50
N SER A 177 21.67 9.13 23.41
CA SER A 177 23.10 9.29 23.64
C SER A 177 23.85 8.55 22.52
N PRO A 178 25.07 9.00 22.15
CA PRO A 178 25.81 8.36 21.05
C PRO A 178 25.97 6.84 21.08
N SER A 179 26.22 6.24 22.27
CA SER A 179 26.42 4.78 22.39
C SER A 179 25.15 3.96 22.09
N GLU A 180 23.98 4.64 22.05
CA GLU A 180 22.67 4.07 21.75
C GLU A 180 22.37 4.05 20.23
N VAL A 181 23.23 4.66 19.42
CA VAL A 181 23.01 4.78 17.97
C VAL A 181 23.94 3.93 17.11
N VAL A 182 23.35 3.31 16.06
CA VAL A 182 24.09 2.65 15.01
C VAL A 182 23.89 3.51 13.75
N PHE A 183 24.99 3.88 13.13
CA PHE A 183 25.03 4.79 12.00
C PHE A 183 25.70 4.07 10.82
N LEU A 184 24.99 4.00 9.66
CA LEU A 184 25.46 3.32 8.45
C LEU A 184 25.70 4.32 7.35
N ASP A 185 26.91 4.29 6.76
CA ASP A 185 27.31 5.20 5.70
C ASP A 185 28.28 4.49 4.75
N ASP A 186 28.26 4.85 3.47
CA ASP A 186 29.17 4.30 2.46
C ASP A 186 30.45 5.16 2.33
N ILE A 187 30.48 6.34 3.02
CA ILE A 187 31.62 7.26 2.99
C ILE A 187 32.32 7.21 4.35
N GLY A 188 33.53 6.66 4.37
CA GLY A 188 34.34 6.54 5.58
C GLY A 188 34.58 7.83 6.34
N ALA A 189 34.85 8.92 5.62
CA ALA A 189 35.06 10.26 6.19
C ALA A 189 33.79 10.76 6.91
N ASN A 190 32.59 10.36 6.41
CA ASN A 190 31.32 10.75 7.00
C ASN A 190 30.94 9.92 8.24
N LEU A 191 31.61 8.78 8.41
CA LEU A 191 31.48 7.88 9.56
C LEU A 191 32.32 8.35 10.75
N LYS A 192 33.55 8.88 10.49
CA LYS A 192 34.51 9.32 11.52
C LYS A 192 33.89 10.17 12.65
N PRO A 193 33.13 11.28 12.37
CA PRO A 193 32.58 12.06 13.50
C PRO A 193 31.59 11.29 14.36
N ALA A 194 30.80 10.37 13.74
CA ALA A 194 29.83 9.56 14.50
C ALA A 194 30.60 8.64 15.43
N ARG A 195 31.68 8.01 14.92
CA ARG A 195 32.59 7.11 15.69
CA ARG A 195 32.52 7.12 15.73
C ARG A 195 33.25 7.91 16.81
N ASP A 196 33.77 9.12 16.49
CA ASP A 196 34.45 10.00 17.45
C ASP A 196 33.49 10.37 18.61
N LEU A 197 32.18 10.48 18.34
CA LEU A 197 31.14 10.75 19.35
C LEU A 197 30.81 9.49 20.20
N GLY A 198 31.15 8.30 19.69
CA GLY A 198 30.92 7.04 20.38
C GLY A 198 29.80 6.19 19.82
N MET A 199 29.34 6.52 18.60
CA MET A 199 28.26 5.75 17.96
C MET A 199 28.84 4.49 17.32
N VAL A 200 28.02 3.44 17.22
CA VAL A 200 28.38 2.22 16.48
C VAL A 200 28.27 2.62 15.01
N THR A 201 29.30 2.36 14.24
CA THR A 201 29.33 2.73 12.82
C THR A 201 29.56 1.51 11.94
N ILE A 202 28.93 1.54 10.77
CA ILE A 202 29.05 0.49 9.78
C ILE A 202 29.39 1.15 8.46
N LEU A 203 30.51 0.73 7.87
CA LEU A 203 30.95 1.21 6.57
C LEU A 203 30.34 0.28 5.58
N VAL A 204 29.39 0.81 4.80
CA VAL A 204 28.62 0.07 3.81
C VAL A 204 29.34 0.01 2.49
N GLN A 205 29.75 -1.20 2.09
CA GLN A 205 30.28 -1.45 0.75
C GLN A 205 29.15 -2.27 0.12
N ASP A 206 29.17 -3.60 0.31
CA ASP A 206 28.08 -4.45 -0.16
C ASP A 206 27.05 -4.55 0.96
N THR A 207 25.76 -4.55 0.59
CA THR A 207 24.66 -4.63 1.54
C THR A 207 24.73 -5.85 2.45
N ASP A 208 25.00 -7.04 1.88
CA ASP A 208 25.05 -8.26 2.69
C ASP A 208 25.98 -8.17 3.88
N THR A 209 27.22 -7.69 3.68
CA THR A 209 28.20 -7.56 4.78
C THR A 209 27.74 -6.51 5.77
N ALA A 210 27.19 -5.38 5.29
CA ALA A 210 26.67 -4.31 6.15
C ALA A 210 25.58 -4.87 7.07
N LEU A 211 24.65 -5.65 6.51
CA LEU A 211 23.57 -6.22 7.31
C LEU A 211 24.05 -7.26 8.33
N LYS A 212 25.11 -8.03 7.98
CA LYS A 212 25.72 -9.02 8.89
C LYS A 212 26.24 -8.27 10.13
N GLU A 213 26.97 -7.15 9.89
CA GLU A 213 27.52 -6.31 10.97
C GLU A 213 26.37 -5.74 11.80
N LEU A 214 25.31 -5.26 11.14
CA LEU A 214 24.14 -4.69 11.80
C LEU A 214 23.38 -5.71 12.65
N GLU A 215 23.28 -6.96 12.16
CA GLU A 215 22.62 -8.06 12.84
C GLU A 215 23.42 -8.43 14.10
N LYS A 216 24.74 -8.50 13.96
CA LYS A 216 25.65 -8.84 15.06
C LYS A 216 25.56 -7.83 16.21
N VAL A 217 25.62 -6.54 15.86
CA VAL A 217 25.59 -5.47 16.86
C VAL A 217 24.23 -5.25 17.54
N THR A 218 23.11 -5.41 16.81
CA THR A 218 21.77 -5.23 17.39
C THR A 218 21.23 -6.54 18.04
N GLY A 219 21.73 -7.67 17.60
CA GLY A 219 21.25 -8.98 18.05
C GLY A 219 19.85 -9.29 17.54
N ILE A 220 19.46 -8.69 16.40
CA ILE A 220 18.15 -8.87 15.74
C ILE A 220 18.42 -9.48 14.37
N GLN A 221 17.67 -10.55 14.03
CA GLN A 221 17.81 -11.21 12.74
C GLN A 221 17.34 -10.24 11.64
N LEU A 222 18.22 -9.95 10.70
CA LEU A 222 17.94 -9.04 9.59
C LEU A 222 18.15 -9.75 8.26
N LEU A 223 19.04 -10.73 8.22
CA LEU A 223 19.26 -11.46 6.98
C LEU A 223 18.52 -12.79 7.09
N ASN A 224 18.17 -13.41 5.95
CA ASN A 224 17.53 -14.74 5.93
C ASN A 224 16.16 -14.78 6.61
N THR A 225 15.51 -13.63 6.80
CA THR A 225 14.21 -13.56 7.50
C THR A 225 13.06 -14.09 6.62
N PRO A 226 11.90 -14.52 7.21
CA PRO A 226 10.77 -14.89 6.34
C PRO A 226 10.28 -13.65 5.57
N ALA A 227 9.67 -13.86 4.40
CA ALA A 227 9.19 -12.79 3.54
C ALA A 227 8.22 -11.88 4.32
N PRO A 228 8.48 -10.55 4.39
CA PRO A 228 7.60 -9.69 5.20
C PRO A 228 6.25 -9.44 4.52
N LEU A 229 5.26 -9.00 5.30
CA LEU A 229 3.95 -8.65 4.73
C LEU A 229 4.06 -7.28 4.02
N PRO A 230 3.14 -6.93 3.10
CA PRO A 230 3.18 -5.59 2.50
C PRO A 230 2.92 -4.52 3.56
N THR A 231 3.23 -3.27 3.25
CA THR A 231 2.97 -2.12 4.15
C THR A 231 1.45 -2.05 4.42
N SER A 232 1.06 -1.83 5.69
CA SER A 232 -0.34 -1.70 6.09
C SER A 232 -0.68 -0.20 6.29
N CYS A 233 -1.86 0.12 6.83
CA CYS A 233 -2.29 1.51 7.04
C CYS A 233 -2.49 1.76 8.49
N ASN A 234 -2.08 2.95 8.94
CA ASN A 234 -2.40 3.45 10.28
C ASN A 234 -3.59 4.39 10.04
N PRO A 235 -4.79 4.04 10.55
CA PRO A 235 -5.99 4.87 10.28
C PRO A 235 -5.84 6.37 10.52
N SER A 236 -5.12 6.75 11.59
CA SER A 236 -4.91 8.16 11.96
C SER A 236 -3.95 8.94 11.02
N ASP A 237 -3.22 8.23 10.16
CA ASP A 237 -2.28 8.82 9.20
C ASP A 237 -2.86 8.91 7.76
N MET A 238 -4.10 8.44 7.55
CA MET A 238 -4.70 8.46 6.22
C MET A 238 -5.47 9.75 5.99
N SER A 239 -5.64 10.13 4.70
CA SER A 239 -6.53 11.23 4.33
C SER A 239 -7.93 10.62 4.34
N HIS A 240 -8.87 11.23 5.11
CA HIS A 240 -10.24 10.72 5.20
C HIS A 240 -11.18 11.65 4.45
N GLY A 241 -11.90 11.07 3.50
CA GLY A 241 -12.88 11.79 2.68
C GLY A 241 -14.32 11.50 3.00
N TYR A 242 -15.20 12.51 2.77
CA TYR A 242 -16.63 12.38 3.07
C TYR A 242 -17.44 13.06 1.99
N VAL A 243 -18.40 12.31 1.40
CA VAL A 243 -19.28 12.78 0.32
C VAL A 243 -20.73 12.52 0.69
N THR A 244 -21.57 13.56 0.66
CA THR A 244 -23.02 13.37 0.87
C THR A 244 -23.59 12.97 -0.50
N VAL A 245 -24.14 11.76 -0.60
CA VAL A 245 -24.73 11.28 -1.86
C VAL A 245 -26.22 11.60 -1.99
N LYS A 246 -26.88 11.80 -0.85
CA LYS A 246 -28.29 12.21 -0.74
C LYS A 246 -28.54 12.72 0.69
N PRO A 247 -29.65 13.49 0.97
CA PRO A 247 -29.80 14.10 2.31
C PRO A 247 -29.41 13.31 3.54
N ARG A 248 -29.83 12.05 3.64
CA ARG A 248 -29.52 11.28 4.84
C ARG A 248 -28.31 10.35 4.71
N VAL A 249 -27.68 10.32 3.51
CA VAL A 249 -26.58 9.39 3.27
C VAL A 249 -25.28 10.07 2.92
N ARG A 250 -24.23 9.79 3.73
CA ARG A 250 -22.87 10.27 3.49
C ARG A 250 -21.97 9.03 3.34
N LEU A 251 -21.02 9.06 2.38
CA LEU A 251 -20.09 7.95 2.25
C LEU A 251 -18.67 8.39 2.67
N HIS A 252 -18.02 7.57 3.48
CA HIS A 252 -16.66 7.81 3.92
C HIS A 252 -15.69 6.95 3.13
N PHE A 253 -14.51 7.50 2.87
CA PHE A 253 -13.45 6.78 2.18
C PHE A 253 -12.09 7.26 2.65
N VAL A 254 -11.10 6.41 2.44
CA VAL A 254 -9.72 6.72 2.70
C VAL A 254 -9.07 6.88 1.31
N GLU A 255 -8.19 7.87 1.19
CA GLU A 255 -7.58 8.26 -0.08
C GLU A 255 -6.08 8.36 -0.07
N LEU A 256 -5.46 7.68 -1.04
CA LEU A 256 -4.01 7.65 -1.15
C LEU A 256 -3.55 7.46 -2.59
N GLY A 257 -2.58 8.27 -2.96
CA GLY A 257 -1.92 8.20 -4.26
C GLY A 257 -2.49 9.09 -5.33
N SER A 258 -1.82 9.07 -6.50
CA SER A 258 -2.19 9.79 -7.70
C SER A 258 -2.17 8.83 -8.87
N GLY A 259 -2.98 9.14 -9.87
CA GLY A 259 -3.14 8.36 -11.10
C GLY A 259 -4.60 8.01 -11.36
N PRO A 260 -4.87 6.95 -12.14
CA PRO A 260 -6.26 6.55 -12.38
C PRO A 260 -6.96 6.15 -11.07
N ALA A 261 -8.21 6.59 -10.88
CA ALA A 261 -8.98 6.30 -9.64
C ALA A 261 -9.31 4.81 -9.55
N VAL A 262 -9.01 4.21 -8.38
CA VAL A 262 -9.28 2.80 -8.09
C VAL A 262 -10.13 2.77 -6.85
N CYS A 263 -11.39 2.38 -7.02
CA CYS A 263 -12.37 2.35 -5.97
C CYS A 263 -12.52 0.93 -5.37
N LEU A 264 -12.07 0.74 -4.10
CA LEU A 264 -12.10 -0.57 -3.41
C LEU A 264 -13.36 -0.71 -2.59
N CYS A 265 -14.09 -1.81 -2.80
CA CYS A 265 -15.41 -2.08 -2.20
C CYS A 265 -15.37 -3.36 -1.39
N HIS A 266 -15.36 -3.23 -0.06
CA HIS A 266 -15.29 -4.34 0.87
C HIS A 266 -16.57 -5.18 0.93
N GLY A 267 -16.49 -6.28 1.68
CA GLY A 267 -17.63 -7.17 1.84
C GLY A 267 -18.18 -7.13 3.24
N PHE A 268 -18.94 -8.18 3.59
CA PHE A 268 -19.58 -8.29 4.87
C PHE A 268 -18.78 -9.17 5.83
N PRO A 269 -18.64 -8.77 7.13
CA PRO A 269 -19.02 -7.49 7.78
C PRO A 269 -17.69 -6.75 7.92
N GLU A 270 -17.34 -5.94 6.93
CA GLU A 270 -15.99 -5.42 6.94
C GLU A 270 -15.85 -3.90 7.05
N SER A 271 -14.83 -3.33 6.37
CA SER A 271 -14.44 -1.93 6.50
C SER A 271 -13.52 -1.58 5.36
N TRP A 272 -13.26 -0.27 5.17
CA TRP A 272 -12.21 0.21 4.27
C TRP A 272 -10.91 -0.48 4.69
N TYR A 273 -10.75 -0.72 6.01
CA TYR A 273 -9.57 -1.29 6.65
C TYR A 273 -9.23 -2.68 6.18
N SER A 274 -10.21 -3.41 5.61
CA SER A 274 -9.97 -4.72 5.01
C SER A 274 -9.01 -4.64 3.83
N TRP A 275 -8.83 -3.44 3.23
CA TRP A 275 -7.90 -3.20 2.11
C TRP A 275 -6.56 -2.60 2.61
N ARG A 276 -6.31 -2.61 3.96
CA ARG A 276 -5.09 -2.00 4.52
C ARG A 276 -3.78 -2.40 3.83
N TYR A 277 -3.64 -3.67 3.41
CA TYR A 277 -2.43 -4.17 2.75
C TYR A 277 -2.38 -3.81 1.27
N GLN A 278 -3.52 -3.41 0.68
CA GLN A 278 -3.59 -3.05 -0.74
C GLN A 278 -3.37 -1.58 -0.98
N ILE A 279 -3.90 -0.73 -0.08
CA ILE A 279 -3.85 0.74 -0.21
C ILE A 279 -2.45 1.29 -0.51
N PRO A 280 -1.43 1.08 0.38
CA PRO A 280 -0.09 1.58 0.08
C PRO A 280 0.49 1.01 -1.23
N ALA A 281 0.36 -0.33 -1.48
CA ALA A 281 0.90 -0.99 -2.68
C ALA A 281 0.29 -0.44 -3.97
N LEU A 282 -1.07 -0.31 -4.05
CA LEU A 282 -1.71 0.23 -5.27
C LEU A 282 -1.32 1.71 -5.50
N ALA A 283 -1.21 2.52 -4.43
CA ALA A 283 -0.79 3.92 -4.59
C ALA A 283 0.65 3.95 -5.10
N GLN A 284 1.55 3.09 -4.51
CA GLN A 284 2.94 3.04 -4.98
C GLN A 284 3.03 2.60 -6.46
N ALA A 285 2.08 1.75 -6.90
CA ALA A 285 1.98 1.26 -8.29
C ALA A 285 1.50 2.34 -9.28
N GLY A 286 1.08 3.50 -8.78
CA GLY A 286 0.73 4.65 -9.63
C GLY A 286 -0.77 4.86 -9.78
N TYR A 287 -1.53 4.54 -8.73
CA TYR A 287 -2.99 4.68 -8.72
C TYR A 287 -3.49 5.55 -7.58
N ARG A 288 -4.60 6.25 -7.81
CA ARG A 288 -5.29 7.05 -6.79
C ARG A 288 -6.33 6.11 -6.18
N VAL A 289 -6.04 5.61 -4.97
CA VAL A 289 -6.88 4.65 -4.28
C VAL A 289 -7.99 5.32 -3.46
N LEU A 290 -9.22 4.86 -3.63
CA LEU A 290 -10.35 5.32 -2.83
C LEU A 290 -10.91 4.08 -2.13
N ALA A 291 -10.58 3.89 -0.84
CA ALA A 291 -11.07 2.70 -0.11
C ALA A 291 -12.31 3.07 0.68
N MET A 292 -13.44 2.53 0.25
CA MET A 292 -14.72 2.89 0.87
C MET A 292 -15.00 2.24 2.18
N ASP A 293 -15.84 2.92 2.96
CA ASP A 293 -16.67 2.38 4.00
C ASP A 293 -17.96 2.31 3.19
N MET A 294 -18.42 1.09 2.85
CA MET A 294 -19.65 0.90 2.07
C MET A 294 -20.83 1.34 2.92
N LYS A 295 -21.97 1.65 2.30
CA LYS A 295 -23.17 2.08 3.04
C LYS A 295 -23.54 1.03 4.12
N GLY A 296 -23.78 1.54 5.31
CA GLY A 296 -24.10 0.76 6.50
C GLY A 296 -22.90 0.55 7.40
N TYR A 297 -21.70 0.96 6.94
CA TYR A 297 -20.43 0.70 7.65
C TYR A 297 -19.58 1.88 8.08
N GLY A 298 -18.84 1.67 9.18
CA GLY A 298 -17.85 2.60 9.70
C GLY A 298 -18.34 4.02 9.85
N GLU A 299 -17.70 4.95 9.14
CA GLU A 299 -18.07 6.37 9.15
C GLU A 299 -19.09 6.74 8.07
N SER A 300 -19.53 5.76 7.25
CA SER A 300 -20.56 6.01 6.25
C SER A 300 -21.89 5.91 6.97
N SER A 301 -22.94 6.48 6.38
CA SER A 301 -24.29 6.46 6.97
C SER A 301 -24.84 5.05 6.99
N ALA A 302 -25.72 4.77 7.95
CA ALA A 302 -26.33 3.46 8.06
C ALA A 302 -27.83 3.62 8.33
N PRO A 303 -28.65 3.99 7.31
CA PRO A 303 -30.11 4.08 7.55
C PRO A 303 -30.70 2.70 7.89
N PRO A 304 -31.80 2.62 8.67
CA PRO A 304 -32.33 1.31 9.09
C PRO A 304 -33.10 0.50 8.05
N GLU A 305 -33.73 1.16 7.05
CA GLU A 305 -34.61 0.55 6.06
C GLU A 305 -33.93 -0.44 5.15
N ILE A 306 -34.54 -1.61 5.00
CA ILE A 306 -34.04 -2.70 4.17
C ILE A 306 -33.71 -2.24 2.74
N GLU A 307 -34.70 -1.61 2.08
CA GLU A 307 -34.68 -1.14 0.68
C GLU A 307 -33.55 -0.16 0.34
N GLU A 308 -32.98 0.48 1.36
CA GLU A 308 -31.82 1.37 1.21
C GLU A 308 -30.55 0.58 0.84
N TYR A 309 -30.60 -0.76 0.96
CA TYR A 309 -29.47 -1.62 0.71
C TYR A 309 -29.63 -2.54 -0.51
N CYS A 310 -30.62 -2.27 -1.36
CA CYS A 310 -30.77 -3.05 -2.57
C CYS A 310 -29.68 -2.59 -3.56
N MET A 311 -29.28 -3.48 -4.47
CA MET A 311 -28.20 -3.19 -5.43
C MET A 311 -28.45 -1.95 -6.29
N GLU A 312 -29.68 -1.73 -6.76
CA GLU A 312 -30.03 -0.56 -7.58
C GLU A 312 -29.72 0.76 -6.84
N VAL A 313 -30.12 0.87 -5.55
CA VAL A 313 -29.88 2.05 -4.70
C VAL A 313 -28.38 2.18 -4.44
N LEU A 314 -27.71 1.09 -4.02
CA LEU A 314 -26.29 1.10 -3.73
C LEU A 314 -25.45 1.54 -4.95
N CYS A 315 -25.78 1.01 -6.12
CA CYS A 315 -25.07 1.36 -7.35
C CYS A 315 -25.30 2.82 -7.74
N LYS A 316 -26.55 3.32 -7.70
CA LYS A 316 -26.93 4.72 -7.98
C LYS A 316 -26.11 5.66 -7.10
N GLU A 317 -26.01 5.33 -5.79
CA GLU A 317 -25.24 6.11 -4.82
C GLU A 317 -23.76 6.12 -5.14
N MET A 318 -23.19 4.99 -5.62
CA MET A 318 -21.76 4.93 -6.00
C MET A 318 -21.50 5.80 -7.25
N VAL A 319 -22.48 5.86 -8.17
CA VAL A 319 -22.40 6.73 -9.35
C VAL A 319 -22.42 8.21 -8.88
N THR A 320 -23.32 8.57 -7.94
CA THR A 320 -23.41 9.93 -7.38
C THR A 320 -22.09 10.30 -6.68
N PHE A 321 -21.51 9.32 -5.95
CA PHE A 321 -20.21 9.45 -5.30
C PHE A 321 -19.15 9.92 -6.35
N LEU A 322 -19.09 9.24 -7.49
CA LEU A 322 -18.17 9.64 -8.57
C LEU A 322 -18.51 11.06 -9.07
N ASP A 323 -19.82 11.35 -9.28
CA ASP A 323 -20.29 12.66 -9.75
C ASP A 323 -19.81 13.79 -8.85
N LYS A 324 -19.98 13.63 -7.52
CA LYS A 324 -19.61 14.65 -6.55
C LYS A 324 -18.11 14.89 -6.41
N LEU A 325 -17.29 13.85 -6.68
CA LEU A 325 -15.83 13.94 -6.65
C LEU A 325 -15.27 14.46 -7.96
N GLY A 326 -16.12 14.58 -8.99
CA GLY A 326 -15.71 15.01 -10.34
C GLY A 326 -14.92 13.96 -11.09
N LEU A 327 -15.30 12.70 -10.92
CA LEU A 327 -14.62 11.56 -11.56
C LEU A 327 -15.55 10.97 -12.59
N SER A 328 -15.13 10.95 -13.86
CA SER A 328 -15.95 10.36 -14.93
C SER A 328 -15.91 8.84 -14.86
N GLN A 329 -14.79 8.28 -14.36
CA GLN A 329 -14.68 6.84 -14.18
C GLN A 329 -13.83 6.50 -12.97
N ALA A 330 -13.91 5.24 -12.56
CA ALA A 330 -13.01 4.61 -11.61
C ALA A 330 -12.93 3.15 -11.97
N VAL A 331 -11.81 2.51 -11.62
CA VAL A 331 -11.77 1.06 -11.69
C VAL A 331 -12.43 0.58 -10.40
N PHE A 332 -13.34 -0.39 -10.51
CA PHE A 332 -14.03 -0.90 -9.34
C PHE A 332 -13.51 -2.27 -8.98
N ILE A 333 -12.98 -2.42 -7.76
CA ILE A 333 -12.47 -3.70 -7.25
C ILE A 333 -13.30 -4.05 -6.01
N GLY A 334 -13.97 -5.19 -6.05
CA GLY A 334 -14.81 -5.62 -4.92
C GLY A 334 -14.44 -6.98 -4.35
N HIS A 335 -14.82 -7.22 -3.09
CA HIS A 335 -14.65 -8.51 -2.39
C HIS A 335 -15.98 -8.84 -1.72
N ASP A 336 -16.43 -10.12 -1.80
CA ASP A 336 -17.67 -10.61 -1.17
C ASP A 336 -18.89 -9.78 -1.68
N TRP A 337 -19.68 -9.11 -0.79
CA TRP A 337 -20.78 -8.26 -1.24
C TRP A 337 -20.27 -7.11 -2.14
N GLY A 338 -19.06 -6.64 -1.89
CA GLY A 338 -18.41 -5.61 -2.70
C GLY A 338 -18.19 -6.11 -4.12
N GLY A 339 -17.82 -7.39 -4.23
CA GLY A 339 -17.61 -8.08 -5.51
C GLY A 339 -18.92 -8.19 -6.29
N MET A 340 -20.02 -8.50 -5.60
CA MET A 340 -21.33 -8.54 -6.26
C MET A 340 -21.69 -7.13 -6.78
N LEU A 341 -21.47 -6.09 -5.97
CA LEU A 341 -21.81 -4.73 -6.36
C LEU A 341 -21.04 -4.30 -7.64
N VAL A 342 -19.71 -4.58 -7.68
CA VAL A 342 -18.88 -4.18 -8.83
C VAL A 342 -19.32 -4.81 -10.15
N TRP A 343 -19.76 -6.10 -10.13
CA TRP A 343 -20.26 -6.72 -11.37
C TRP A 343 -21.50 -5.98 -11.87
N TYR A 344 -22.37 -5.59 -10.94
CA TYR A 344 -23.58 -4.85 -11.29
C TYR A 344 -23.30 -3.44 -11.76
N MET A 345 -22.24 -2.79 -11.19
CA MET A 345 -21.76 -1.50 -11.69
C MET A 345 -21.34 -1.63 -13.16
N ALA A 346 -20.59 -2.68 -13.48
CA ALA A 346 -20.15 -2.98 -14.85
C ALA A 346 -21.36 -3.19 -15.80
N LEU A 347 -22.39 -3.89 -15.34
CA LEU A 347 -23.60 -4.16 -16.13
C LEU A 347 -24.52 -2.98 -16.36
N PHE A 348 -24.67 -2.11 -15.36
CA PHE A 348 -25.60 -0.99 -15.42
C PHE A 348 -24.97 0.36 -15.71
N TYR A 349 -23.68 0.55 -15.35
CA TYR A 349 -22.99 1.83 -15.53
C TYR A 349 -21.63 1.59 -16.20
N PRO A 350 -21.55 0.88 -17.35
CA PRO A 350 -20.23 0.61 -17.94
C PRO A 350 -19.43 1.87 -18.31
N GLU A 351 -20.13 2.98 -18.62
CA GLU A 351 -19.49 4.25 -18.97
CA GLU A 351 -19.45 4.22 -18.98
C GLU A 351 -18.65 4.83 -17.80
N ARG A 352 -19.03 4.49 -16.56
CA ARG A 352 -18.41 4.97 -15.33
C ARG A 352 -17.37 4.02 -14.75
N VAL A 353 -17.28 2.82 -15.33
CA VAL A 353 -16.37 1.78 -14.87
C VAL A 353 -15.22 1.60 -15.86
N ARG A 354 -14.01 2.02 -15.44
CA ARG A 354 -12.82 1.89 -16.27
C ARG A 354 -12.47 0.40 -16.49
N ALA A 355 -12.59 -0.38 -15.42
CA ALA A 355 -12.35 -1.82 -15.41
C ALA A 355 -12.96 -2.37 -14.14
N VAL A 356 -13.21 -3.68 -14.09
CA VAL A 356 -13.87 -4.28 -12.94
C VAL A 356 -13.13 -5.54 -12.46
N ALA A 357 -12.94 -5.66 -11.13
CA ALA A 357 -12.33 -6.89 -10.60
C ALA A 357 -13.06 -7.34 -9.36
N SER A 358 -13.22 -8.65 -9.23
CA SER A 358 -13.80 -9.24 -8.04
C SER A 358 -12.88 -10.30 -7.44
N LEU A 359 -12.80 -10.28 -6.13
CA LEU A 359 -12.12 -11.31 -5.33
C LEU A 359 -13.22 -12.20 -4.78
N ASN A 360 -13.13 -13.50 -5.10
CA ASN A 360 -14.01 -14.59 -4.64
C ASN A 360 -15.40 -14.62 -5.20
N THR A 361 -16.09 -13.45 -5.25
CA THR A 361 -17.47 -13.37 -5.71
C THR A 361 -17.56 -13.52 -7.22
N PRO A 362 -18.19 -14.60 -7.70
CA PRO A 362 -18.32 -14.76 -9.15
C PRO A 362 -19.49 -13.93 -9.67
N PHE A 363 -19.54 -13.76 -10.99
CA PHE A 363 -20.70 -13.15 -11.59
C PHE A 363 -21.63 -14.30 -11.95
N ILE A 364 -22.82 -14.33 -11.37
CA ILE A 364 -23.80 -15.35 -11.71
C ILE A 364 -25.07 -14.61 -12.10
N PRO A 365 -25.57 -14.80 -13.32
CA PRO A 365 -26.77 -14.07 -13.73
C PRO A 365 -28.00 -14.55 -12.99
N ALA A 366 -29.01 -13.67 -12.86
CA ALA A 366 -30.25 -14.06 -12.22
C ALA A 366 -30.87 -15.17 -13.07
N ASN A 367 -31.55 -16.10 -12.41
CA ASN A 367 -32.30 -17.15 -13.10
C ASN A 367 -33.75 -16.63 -13.14
N PRO A 368 -34.28 -16.21 -14.31
CA PRO A 368 -35.65 -15.66 -14.35
C PRO A 368 -36.76 -16.69 -14.11
N ASN A 369 -36.42 -17.97 -14.16
CA ASN A 369 -37.37 -19.08 -13.97
C ASN A 369 -37.41 -19.64 -12.54
N MET A 370 -36.67 -19.03 -11.60
CA MET A 370 -36.61 -19.50 -10.21
C MET A 370 -36.50 -18.31 -9.25
N SER A 371 -37.33 -18.33 -8.17
CA SER A 371 -37.31 -17.31 -7.13
C SER A 371 -35.93 -17.30 -6.48
N PRO A 372 -35.36 -16.12 -6.15
CA PRO A 372 -34.02 -16.10 -5.54
C PRO A 372 -33.92 -16.92 -4.23
N LEU A 373 -35.00 -16.92 -3.41
CA LEU A 373 -35.07 -17.70 -2.16
C LEU A 373 -34.90 -19.20 -2.44
N GLU A 374 -35.56 -19.73 -3.51
CA GLU A 374 -35.48 -21.12 -3.98
C GLU A 374 -34.04 -21.48 -4.33
N SER A 375 -33.39 -20.61 -5.12
CA SER A 375 -32.01 -20.76 -5.59
C SER A 375 -31.01 -20.87 -4.44
N ILE A 376 -31.14 -19.98 -3.41
CA ILE A 376 -30.25 -19.97 -2.22
C ILE A 376 -30.38 -21.29 -1.43
N LYS A 377 -31.61 -21.82 -1.32
CA LYS A 377 -31.93 -23.07 -0.63
C LYS A 377 -31.26 -24.30 -1.24
N ALA A 378 -31.05 -24.30 -2.58
CA ALA A 378 -30.43 -25.39 -3.34
C ALA A 378 -29.01 -25.75 -2.92
N ASN A 379 -28.21 -24.74 -2.50
CA ASN A 379 -26.83 -24.97 -2.08
C ASN A 379 -26.69 -24.82 -0.55
N PRO A 380 -26.38 -25.94 0.17
CA PRO A 380 -26.30 -25.89 1.64
C PRO A 380 -25.29 -24.92 2.22
N VAL A 381 -24.21 -24.58 1.47
CA VAL A 381 -23.17 -23.65 1.93
C VAL A 381 -23.73 -22.21 2.12
N PHE A 382 -24.88 -21.91 1.48
CA PHE A 382 -25.52 -20.58 1.56
C PHE A 382 -26.55 -20.45 2.67
N ASP A 383 -26.62 -21.42 3.59
CA ASP A 383 -27.56 -21.40 4.72
C ASP A 383 -27.38 -20.16 5.60
N TYR A 384 -26.13 -19.69 5.82
CA TYR A 384 -25.89 -18.46 6.61
C TYR A 384 -26.71 -17.27 6.05
N GLN A 385 -26.90 -17.21 4.72
CA GLN A 385 -27.67 -16.16 4.08
C GLN A 385 -29.16 -16.24 4.45
N LEU A 386 -29.67 -17.47 4.71
CA LEU A 386 -31.06 -17.66 5.13
C LEU A 386 -31.17 -17.23 6.59
N TYR A 387 -30.16 -17.55 7.42
CA TYR A 387 -30.10 -17.13 8.81
C TYR A 387 -30.12 -15.59 8.93
N PHE A 388 -29.47 -14.91 7.98
CA PHE A 388 -29.42 -13.45 7.93
C PHE A 388 -30.75 -12.78 7.52
N GLN A 389 -31.75 -13.55 7.07
CA GLN A 389 -33.02 -12.97 6.59
C GLN A 389 -33.90 -12.25 7.64
N GLU A 390 -34.21 -12.93 8.74
CA GLU A 390 -35.13 -12.41 9.76
C GLU A 390 -34.55 -11.22 10.51
N PRO A 391 -35.15 -10.03 10.35
CA PRO A 391 -34.58 -8.83 11.02
C PRO A 391 -34.44 -8.97 12.52
N GLY A 392 -33.23 -8.69 13.04
CA GLY A 392 -32.95 -8.74 14.47
C GLY A 392 -32.24 -9.97 15.00
N VAL A 393 -32.50 -11.16 14.40
CA VAL A 393 -31.89 -12.44 14.83
C VAL A 393 -30.37 -12.40 14.73
N ALA A 394 -29.82 -12.24 13.50
CA ALA A 394 -28.35 -12.21 13.35
C ALA A 394 -27.77 -10.94 14.01
N GLU A 395 -28.52 -9.82 14.05
CA GLU A 395 -28.01 -8.60 14.71
C GLU A 395 -27.65 -8.93 16.19
N ALA A 396 -28.57 -9.59 16.90
CA ALA A 396 -28.41 -9.97 18.32
C ALA A 396 -27.17 -10.81 18.57
N GLU A 397 -26.96 -11.83 17.74
CA GLU A 397 -25.78 -12.69 17.88
C GLU A 397 -24.48 -11.94 17.57
N LEU A 398 -24.46 -11.18 16.44
CA LEU A 398 -23.23 -10.50 16.01
C LEU A 398 -22.81 -9.33 16.90
N GLU A 399 -23.79 -8.63 17.46
CA GLU A 399 -23.58 -7.47 18.35
C GLU A 399 -23.31 -7.84 19.82
N GLN A 400 -23.68 -9.06 20.24
CA GLN A 400 -23.52 -9.53 21.63
C GLN A 400 -22.11 -9.33 22.21
N ASN A 401 -21.09 -9.67 21.44
CA ASN A 401 -19.71 -9.57 21.84
C ASN A 401 -18.89 -9.33 20.57
N LEU A 402 -18.59 -8.04 20.28
CA LEU A 402 -17.90 -7.63 19.06
C LEU A 402 -16.56 -8.29 18.86
N SER A 403 -15.72 -8.33 19.92
CA SER A 403 -14.43 -8.98 19.84
C SER A 403 -14.61 -10.46 19.44
N ARG A 404 -15.55 -11.18 20.08
CA ARG A 404 -15.79 -12.59 19.75
C ARG A 404 -16.25 -12.72 18.28
N THR A 405 -17.18 -11.85 17.85
CA THR A 405 -17.66 -11.85 16.45
C THR A 405 -16.49 -11.80 15.47
N PHE A 406 -15.62 -10.76 15.55
CA PHE A 406 -14.51 -10.60 14.59
C PHE A 406 -13.42 -11.66 14.70
N LYS A 407 -13.10 -12.07 15.93
CA LYS A 407 -12.12 -13.14 16.14
C LYS A 407 -12.60 -14.48 15.60
N SER A 408 -13.91 -14.77 15.69
CA SER A 408 -14.49 -16.02 15.15
C SER A 408 -14.56 -15.98 13.62
N LEU A 409 -14.90 -14.80 13.05
CA LEU A 409 -15.04 -14.66 11.59
C LEU A 409 -13.73 -14.62 10.83
N PHE A 410 -12.80 -13.75 11.26
CA PHE A 410 -11.56 -13.49 10.58
C PHE A 410 -10.49 -14.53 10.95
N ARG A 411 -10.57 -15.69 10.30
CA ARG A 411 -9.64 -16.81 10.52
C ARG A 411 -9.28 -17.42 9.16
N ALA A 412 -8.08 -18.00 9.05
CA ALA A 412 -7.61 -18.69 7.86
C ALA A 412 -8.39 -20.02 7.70
N SER A 413 -8.37 -20.60 6.49
CA SER A 413 -9.09 -21.84 6.13
C SER A 413 -8.83 -23.04 7.09
N ASP A 414 -7.63 -23.11 7.68
CA ASP A 414 -7.22 -24.15 8.63
C ASP A 414 -7.30 -23.69 10.11
N GLU A 415 -8.24 -22.76 10.43
CA GLU A 415 -8.44 -22.23 11.80
C GLU A 415 -9.92 -22.02 12.13
N SER A 416 -10.84 -22.23 11.18
CA SER A 416 -12.25 -21.91 11.43
C SER A 416 -13.01 -22.75 12.41
N VAL A 417 -13.69 -22.05 13.33
CA VAL A 417 -14.54 -22.53 14.42
C VAL A 417 -16.02 -22.49 13.97
N LEU A 418 -16.26 -21.94 12.77
CA LEU A 418 -17.56 -21.78 12.12
C LEU A 418 -17.93 -23.07 11.40
N SER A 419 -19.17 -23.55 11.58
CA SER A 419 -19.64 -24.76 10.91
C SER A 419 -20.09 -24.43 9.49
N MET A 420 -21.05 -23.47 9.36
CA MET A 420 -21.70 -22.99 8.12
C MET A 420 -22.83 -23.91 7.68
N HIS A 421 -22.70 -25.22 7.99
CA HIS A 421 -23.74 -26.20 7.71
C HIS A 421 -24.75 -26.13 8.84
N LYS A 422 -26.01 -25.90 8.47
CA LYS A 422 -27.15 -25.81 9.38
C LYS A 422 -27.00 -24.72 10.45
N VAL A 423 -26.84 -23.46 9.99
CA VAL A 423 -26.71 -22.27 10.86
C VAL A 423 -28.05 -21.99 11.54
N CYS A 424 -29.14 -22.02 10.76
CA CYS A 424 -30.51 -21.77 11.24
C CYS A 424 -30.91 -22.82 12.28
N GLU A 425 -30.76 -24.12 11.91
CA GLU A 425 -31.07 -25.31 12.74
C GLU A 425 -30.32 -25.26 14.08
N ALA A 426 -29.02 -24.92 14.04
CA ALA A 426 -28.17 -24.82 15.23
C ALA A 426 -28.45 -23.54 16.05
N GLY A 427 -29.23 -22.62 15.48
CA GLY A 427 -29.63 -21.37 16.14
C GLY A 427 -28.67 -20.19 16.04
N GLY A 428 -27.56 -20.35 15.31
CA GLY A 428 -26.58 -19.29 15.13
C GLY A 428 -25.24 -19.70 14.56
N LEU A 429 -24.45 -18.73 14.11
CA LEU A 429 -23.11 -18.96 13.56
C LEU A 429 -22.06 -19.36 14.57
N PHE A 430 -22.22 -18.90 15.82
CA PHE A 430 -21.23 -19.09 16.90
C PHE A 430 -21.63 -20.08 18.00
N VAL A 431 -22.73 -20.85 17.81
CA VAL A 431 -23.21 -21.82 18.80
C VAL A 431 -22.20 -22.90 19.20
N ASN A 432 -21.25 -23.23 18.29
CA ASN A 432 -20.20 -24.23 18.50
C ASN A 432 -18.82 -23.56 18.47
N SER A 433 -18.79 -22.23 18.69
CA SER A 433 -17.58 -21.41 18.72
C SER A 433 -17.23 -21.05 20.16
N PRO A 434 -15.92 -20.91 20.49
CA PRO A 434 -15.55 -20.55 21.86
C PRO A 434 -15.97 -19.13 22.22
N GLU A 435 -16.10 -18.84 23.54
CA GLU A 435 -16.45 -17.50 24.03
C GLU A 435 -15.29 -16.54 23.82
N GLU A 436 -14.08 -17.06 23.99
CA GLU A 436 -12.86 -16.29 23.85
C GLU A 436 -12.00 -16.95 22.78
N PRO A 437 -12.34 -16.74 21.48
CA PRO A 437 -11.51 -17.32 20.40
C PRO A 437 -10.07 -16.86 20.47
N SER A 438 -9.16 -17.73 20.00
CA SER A 438 -7.75 -17.42 19.90
C SER A 438 -7.61 -16.42 18.75
N LEU A 439 -6.51 -15.68 18.72
CA LEU A 439 -6.26 -14.71 17.67
C LEU A 439 -5.76 -15.46 16.46
N SER A 440 -6.41 -15.26 15.31
CA SER A 440 -5.97 -15.89 14.07
C SER A 440 -4.60 -15.30 13.68
N ARG A 441 -3.78 -16.09 12.95
CA ARG A 441 -2.46 -15.66 12.48
C ARG A 441 -2.55 -14.51 11.46
N MET A 442 -3.75 -14.27 10.90
CA MET A 442 -3.95 -13.20 9.92
C MET A 442 -4.00 -11.83 10.55
N VAL A 443 -4.50 -11.75 11.81
CA VAL A 443 -4.77 -10.50 12.51
C VAL A 443 -4.04 -10.32 13.85
N THR A 444 -3.85 -9.06 14.25
CA THR A 444 -3.32 -8.71 15.57
C THR A 444 -4.54 -8.33 16.41
N GLU A 445 -4.37 -8.20 17.74
CA GLU A 445 -5.43 -7.78 18.66
C GLU A 445 -5.87 -6.36 18.29
N GLU A 446 -4.91 -5.51 17.94
CA GLU A 446 -5.10 -4.10 17.55
C GLU A 446 -5.97 -3.99 16.31
N GLU A 447 -5.74 -4.87 15.32
CA GLU A 447 -6.56 -4.88 14.09
C GLU A 447 -7.98 -5.30 14.42
N ILE A 448 -8.16 -6.37 15.25
CA ILE A 448 -9.49 -6.76 15.72
C ILE A 448 -10.21 -5.59 16.41
N GLN A 449 -9.52 -4.86 17.33
CA GLN A 449 -10.13 -3.72 18.05
C GLN A 449 -10.56 -2.57 17.15
N PHE A 450 -9.86 -2.38 16.02
CA PHE A 450 -10.28 -1.37 15.04
C PHE A 450 -11.69 -1.73 14.53
N TYR A 451 -11.90 -3.01 14.11
CA TYR A 451 -13.21 -3.47 13.62
C TYR A 451 -14.25 -3.34 14.73
N VAL A 452 -13.87 -3.71 15.98
CA VAL A 452 -14.76 -3.59 17.14
C VAL A 452 -15.20 -2.11 17.27
N GLN A 453 -14.24 -1.17 17.25
CA GLN A 453 -14.52 0.27 17.37
C GLN A 453 -15.47 0.77 16.27
N GLN A 454 -15.24 0.35 15.02
CA GLN A 454 -16.05 0.76 13.86
C GLN A 454 -17.52 0.29 14.00
N PHE A 455 -17.70 -0.96 14.40
CA PHE A 455 -19.04 -1.54 14.52
C PHE A 455 -19.83 -1.07 15.76
N LYS A 456 -19.19 -0.33 16.64
CA LYS A 456 -19.87 0.24 17.81
C LYS A 456 -20.83 1.33 17.37
N LYS A 457 -20.49 2.05 16.29
CA LYS A 457 -21.33 3.15 15.79
C LYS A 457 -22.71 2.73 15.32
N SER A 458 -22.77 1.79 14.37
CA SER A 458 -24.06 1.42 13.77
C SER A 458 -24.46 -0.04 13.93
N GLY A 459 -23.55 -0.88 14.40
CA GLY A 459 -23.80 -2.31 14.55
C GLY A 459 -24.00 -3.01 13.23
N PHE A 460 -24.84 -4.05 13.24
CA PHE A 460 -25.04 -4.95 12.12
C PHE A 460 -26.29 -4.85 11.28
N ARG A 461 -27.24 -3.94 11.61
CA ARG A 461 -28.49 -3.80 10.85
C ARG A 461 -28.25 -3.47 9.36
N GLY A 462 -27.58 -2.33 9.09
CA GLY A 462 -27.24 -1.85 7.75
C GLY A 462 -26.48 -2.92 6.99
N PRO A 463 -25.36 -3.42 7.54
CA PRO A 463 -24.62 -4.53 6.90
C PRO A 463 -25.45 -5.78 6.54
N LEU A 464 -26.31 -6.28 7.47
CA LEU A 464 -27.19 -7.43 7.22
C LEU A 464 -28.22 -7.14 6.18
N ASN A 465 -28.69 -5.88 6.10
CA ASN A 465 -29.67 -5.48 5.10
C ASN A 465 -29.21 -5.72 3.65
N TRP A 466 -27.88 -5.76 3.40
CA TRP A 466 -27.34 -6.09 2.06
C TRP A 466 -27.86 -7.47 1.57
N TYR A 467 -28.14 -8.40 2.51
CA TYR A 467 -28.64 -9.78 2.23
C TYR A 467 -30.16 -9.87 2.18
N ARG A 468 -30.85 -8.79 2.54
CA ARG A 468 -32.30 -8.73 2.69
C ARG A 468 -33.07 -8.11 1.51
N ASN A 469 -32.44 -8.15 0.33
CA ASN A 469 -33.02 -7.61 -0.88
C ASN A 469 -33.02 -8.61 -2.03
N MET A 470 -33.13 -9.91 -1.72
CA MET A 470 -33.09 -10.96 -2.75
C MET A 470 -34.07 -10.76 -3.89
N GLU A 471 -35.37 -10.56 -3.57
CA GLU A 471 -36.42 -10.37 -4.58
C GLU A 471 -36.17 -9.09 -5.40
N ARG A 472 -35.91 -7.96 -4.72
CA ARG A 472 -35.65 -6.66 -5.31
C ARG A 472 -34.44 -6.73 -6.28
N ASN A 473 -33.31 -7.30 -5.81
CA ASN A 473 -32.10 -7.47 -6.64
C ASN A 473 -32.34 -8.39 -7.83
N TRP A 474 -33.11 -9.48 -7.63
CA TRP A 474 -33.45 -10.45 -8.68
C TRP A 474 -34.20 -9.77 -9.84
N LYS A 475 -35.24 -8.97 -9.51
CA LYS A 475 -36.03 -8.20 -10.48
C LYS A 475 -35.17 -7.22 -11.29
N TRP A 476 -34.28 -6.49 -10.62
CA TRP A 476 -33.38 -5.53 -11.25
C TRP A 476 -32.36 -6.25 -12.14
N ALA A 477 -31.71 -7.32 -11.61
CA ALA A 477 -30.73 -8.14 -12.33
C ALA A 477 -31.33 -8.74 -13.61
N CYS A 478 -32.64 -9.12 -13.58
CA CYS A 478 -33.33 -9.69 -14.76
C CYS A 478 -33.34 -8.72 -15.98
N LYS A 479 -33.32 -7.40 -15.73
CA LYS A 479 -33.28 -6.36 -16.78
C LYS A 479 -31.99 -6.42 -17.59
N SER A 480 -30.94 -7.00 -16.99
CA SER A 480 -29.59 -7.10 -17.59
C SER A 480 -29.32 -8.45 -18.29
N LEU A 481 -30.32 -9.35 -18.36
CA LEU A 481 -30.11 -10.69 -18.93
C LEU A 481 -29.69 -10.82 -20.41
N GLY A 482 -29.99 -9.81 -21.21
CA GLY A 482 -29.56 -9.78 -22.61
C GLY A 482 -28.18 -9.16 -22.77
N ARG A 483 -27.58 -8.66 -21.66
CA ARG A 483 -26.26 -8.00 -21.76
C ARG A 483 -25.07 -8.91 -21.57
N LYS A 484 -23.89 -8.42 -21.97
CA LYS A 484 -22.64 -9.09 -21.70
C LYS A 484 -21.73 -8.02 -21.08
N ILE A 485 -20.77 -8.44 -20.24
CA ILE A 485 -19.78 -7.53 -19.66
C ILE A 485 -18.61 -7.56 -20.65
N LEU A 486 -18.37 -6.43 -21.30
CA LEU A 486 -17.38 -6.33 -22.37
C LEU A 486 -16.25 -5.35 -22.09
N ILE A 487 -16.32 -4.69 -20.93
CA ILE A 487 -15.27 -3.79 -20.45
C ILE A 487 -14.15 -4.69 -19.80
N PRO A 488 -12.91 -4.19 -19.55
CA PRO A 488 -11.86 -5.04 -18.94
C PRO A 488 -12.30 -5.63 -17.60
N ALA A 489 -12.15 -6.96 -17.43
CA ALA A 489 -12.61 -7.64 -16.22
C ALA A 489 -11.65 -8.70 -15.71
N LEU A 490 -11.56 -8.81 -14.38
CA LEU A 490 -10.72 -9.78 -13.70
C LEU A 490 -11.52 -10.49 -12.60
N MET A 491 -11.45 -11.82 -12.60
CA MET A 491 -12.06 -12.69 -11.61
C MET A 491 -10.91 -13.38 -10.84
N VAL A 492 -10.85 -13.17 -9.49
CA VAL A 492 -9.79 -13.79 -8.68
C VAL A 492 -10.44 -14.85 -7.79
N THR A 493 -10.08 -16.12 -7.98
CA THR A 493 -10.64 -17.19 -7.16
C THR A 493 -9.68 -17.53 -6.02
N ALA A 494 -10.22 -18.01 -4.90
CA ALA A 494 -9.49 -18.38 -3.69
C ALA A 494 -9.76 -19.88 -3.48
N GLU A 495 -8.72 -20.70 -3.58
CA GLU A 495 -8.77 -22.16 -3.49
C GLU A 495 -9.60 -22.70 -2.31
N LYS A 496 -9.41 -22.10 -1.13
CA LYS A 496 -10.04 -22.54 0.12
C LYS A 496 -11.20 -21.70 0.65
N ASP A 497 -11.88 -20.96 -0.24
CA ASP A 497 -13.09 -20.30 0.17
C ASP A 497 -14.15 -21.40 0.00
N PHE A 498 -14.65 -21.97 1.10
CA PHE A 498 -15.63 -23.06 1.07
C PHE A 498 -17.06 -22.69 0.77
N VAL A 499 -17.35 -21.39 0.58
CA VAL A 499 -18.69 -20.92 0.24
C VAL A 499 -18.63 -20.39 -1.21
N LEU A 500 -17.73 -19.43 -1.47
CA LEU A 500 -17.52 -18.87 -2.81
C LEU A 500 -16.38 -19.68 -3.44
N VAL A 501 -16.68 -20.94 -3.74
CA VAL A 501 -15.74 -21.93 -4.29
C VAL A 501 -15.30 -21.52 -5.71
N PRO A 502 -14.05 -21.81 -6.10
CA PRO A 502 -13.59 -21.43 -7.46
C PRO A 502 -14.48 -21.95 -8.62
N GLN A 503 -15.05 -23.16 -8.47
CA GLN A 503 -15.92 -23.83 -9.45
C GLN A 503 -17.17 -23.05 -9.77
N MET A 504 -17.65 -22.22 -8.82
CA MET A 504 -18.84 -21.40 -8.98
C MET A 504 -18.64 -20.34 -10.05
N SER A 505 -17.38 -20.01 -10.37
CA SER A 505 -17.02 -18.98 -11.37
C SER A 505 -16.83 -19.57 -12.79
N GLN A 506 -16.90 -20.90 -12.94
CA GLN A 506 -16.64 -21.60 -14.20
C GLN A 506 -17.43 -21.16 -15.46
N HIS A 507 -18.66 -20.65 -15.30
CA HIS A 507 -19.47 -20.24 -16.45
C HIS A 507 -19.36 -18.76 -16.81
N MET A 508 -18.51 -18.02 -16.09
CA MET A 508 -18.35 -16.58 -16.28
C MET A 508 -17.99 -16.10 -17.69
N GLU A 509 -17.18 -16.90 -18.43
CA GLU A 509 -16.76 -16.54 -19.81
C GLU A 509 -17.95 -16.43 -20.78
N ASP A 510 -19.08 -17.11 -20.48
CA ASP A 510 -20.29 -17.02 -21.27
C ASP A 510 -20.87 -15.59 -21.29
N TRP A 511 -20.69 -14.84 -20.19
CA TRP A 511 -21.19 -13.47 -19.96
C TRP A 511 -20.12 -12.42 -20.11
N ILE A 512 -18.85 -12.82 -19.89
CA ILE A 512 -17.68 -11.93 -19.90
C ILE A 512 -16.64 -12.64 -20.76
N PRO A 513 -16.83 -12.65 -22.11
CA PRO A 513 -15.90 -13.37 -22.99
C PRO A 513 -14.42 -13.06 -22.89
N HIS A 514 -14.08 -11.79 -22.57
CA HIS A 514 -12.69 -11.33 -22.48
C HIS A 514 -12.12 -11.37 -21.05
N LEU A 515 -12.84 -12.00 -20.13
CA LEU A 515 -12.44 -12.15 -18.74
C LEU A 515 -11.00 -12.66 -18.57
N LYS A 516 -10.25 -11.97 -17.69
CA LYS A 516 -8.92 -12.36 -17.25
C LYS A 516 -9.09 -12.96 -15.87
N ARG A 517 -8.17 -13.86 -15.49
CA ARG A 517 -8.28 -14.52 -14.21
C ARG A 517 -7.01 -14.49 -13.39
N GLY A 518 -7.21 -14.64 -12.08
CA GLY A 518 -6.17 -14.82 -11.08
C GLY A 518 -6.63 -15.91 -10.15
N HIS A 519 -5.72 -16.63 -9.52
CA HIS A 519 -6.13 -17.70 -8.59
C HIS A 519 -5.14 -17.76 -7.48
N ILE A 520 -5.64 -17.80 -6.23
CA ILE A 520 -4.78 -17.85 -5.04
C ILE A 520 -4.92 -19.16 -4.29
N GLU A 521 -3.81 -19.91 -4.25
CA GLU A 521 -3.75 -21.18 -3.54
C GLU A 521 -3.68 -20.92 -2.05
N ASP A 522 -4.24 -21.88 -1.27
CA ASP A 522 -4.23 -21.87 0.19
C ASP A 522 -4.80 -20.54 0.76
N CYS A 523 -5.83 -20.02 0.09
CA CYS A 523 -6.47 -18.76 0.45
C CYS A 523 -7.90 -19.00 0.81
N GLY A 524 -8.31 -18.50 1.97
CA GLY A 524 -9.68 -18.62 2.45
C GLY A 524 -10.56 -17.47 1.95
N HIS A 525 -11.63 -17.19 2.71
CA HIS A 525 -12.59 -16.13 2.36
C HIS A 525 -12.03 -14.71 2.47
N TRP A 526 -11.20 -14.44 3.50
CA TRP A 526 -10.70 -13.09 3.84
C TRP A 526 -9.44 -12.81 3.08
N THR A 527 -9.57 -12.86 1.76
CA THR A 527 -8.52 -12.80 0.74
C THR A 527 -7.44 -11.75 0.96
N GLN A 528 -7.86 -10.47 1.16
CA GLN A 528 -6.93 -9.36 1.27
C GLN A 528 -5.96 -9.51 2.43
N MET A 529 -6.42 -10.05 3.56
CA MET A 529 -5.54 -10.20 4.73
C MET A 529 -4.91 -11.60 4.80
N ASP A 530 -5.53 -12.58 4.11
CA ASP A 530 -5.04 -13.96 4.06
C ASP A 530 -3.77 -14.00 3.22
N LYS A 531 -3.88 -13.54 1.96
CA LYS A 531 -2.76 -13.56 1.03
C LYS A 531 -2.51 -12.15 0.44
N PRO A 532 -2.16 -11.14 1.28
CA PRO A 532 -1.97 -9.76 0.77
C PRO A 532 -0.94 -9.58 -0.34
N THR A 533 0.21 -10.25 -0.23
CA THR A 533 1.28 -10.16 -1.24
C THR A 533 0.80 -10.66 -2.59
N GLU A 534 0.11 -11.80 -2.59
CA GLU A 534 -0.40 -12.41 -3.82
C GLU A 534 -1.51 -11.56 -4.43
N VAL A 535 -2.45 -11.06 -3.59
CA VAL A 535 -3.52 -10.14 -4.03
C VAL A 535 -2.88 -8.93 -4.72
N ASN A 536 -1.87 -8.32 -4.07
CA ASN A 536 -1.19 -7.13 -4.61
C ASN A 536 -0.56 -7.41 -5.98
N GLN A 537 0.13 -8.54 -6.10
CA GLN A 537 0.79 -8.92 -7.34
C GLN A 537 -0.24 -9.03 -8.50
N ILE A 538 -1.32 -9.80 -8.29
CA ILE A 538 -2.40 -10.02 -9.25
C ILE A 538 -3.08 -8.71 -9.65
N LEU A 539 -3.45 -7.89 -8.65
CA LEU A 539 -4.13 -6.64 -8.95
C LEU A 539 -3.24 -5.67 -9.70
N ILE A 540 -1.99 -5.49 -9.25
CA ILE A 540 -1.08 -4.55 -9.91
C ILE A 540 -0.79 -4.95 -11.35
N LYS A 541 -0.56 -6.25 -11.59
CA LYS A 541 -0.27 -6.78 -12.94
C LYS A 541 -1.47 -6.48 -13.88
N TRP A 542 -2.68 -6.81 -13.42
CA TRP A 542 -3.93 -6.57 -14.17
C TRP A 542 -4.21 -5.08 -14.39
N LEU A 543 -4.04 -4.23 -13.33
CA LEU A 543 -4.22 -2.79 -13.46
C LEU A 543 -3.30 -2.21 -14.52
N ASP A 544 -2.00 -2.56 -14.46
CA ASP A 544 -1.03 -2.05 -15.42
C ASP A 544 -1.24 -2.50 -16.85
N SER A 545 -1.82 -3.67 -17.07
CA SER A 545 -2.04 -4.13 -18.45
C SER A 545 -3.39 -3.71 -19.01
N ASP A 546 -4.46 -3.73 -18.17
CA ASP A 546 -5.86 -3.51 -18.55
C ASP A 546 -6.58 -2.22 -18.10
N ALA A 547 -6.10 -1.53 -17.04
CA ALA A 547 -6.78 -0.31 -16.54
C ALA A 547 -6.00 0.98 -16.80
N ARG A 548 -4.76 0.86 -17.34
CA ARG A 548 -3.83 1.93 -17.71
C ARG A 548 -3.14 2.62 -16.53
#